data_2YLO
#
_entry.id   2YLO
#
_cell.length_a   55.320
_cell.length_b   66.500
_cell.length_c   73.120
_cell.angle_alpha   90.00
_cell.angle_beta   90.00
_cell.angle_gamma   90.00
#
_symmetry.space_group_name_H-M   'P 21 21 21'
#
loop_
_entity.id
_entity.type
_entity.pdbx_description
1 polymer 'ANDROGEN RECEPTOR'
2 non-polymer TESTOSTERONE
3 non-polymer 'SULFATE ION'
4 non-polymer 1-[2-(4-METHYLPHENOXY)ETHYL]-2-(2-PHENOXYETHYLSULFANYL)BENZIMIDAZOLE
5 water water
#
_entity_poly.entity_id   1
_entity_poly.type   'polypeptide(L)'
_entity_poly.pdbx_seq_one_letter_code
;IEGYECQPIFLNVLEAIEPGVVCAGHDNNQPDSFAALLSSLNELGERQLVHVVKWAKALPGFRNLHVDDQMAVIQYSWMG
LMVFAMGWRSFTNVNSRMLYFAPDLVFNEYRMHKSRMYSQCVRMRHLSQEFGWLQITPQEFLCMKALLLFSIIPVDGLKN
QKFFDELRMNYIKELDRIIACKRKNPTSCSRRFYQLTKLLDSVQPIARELHQFTFDLLIKSHMVSVDFPEMMAEIISVQV
PKILSGKVKPIYFHTQ
;
_entity_poly.pdbx_strand_id   A
#
# COMPACT_ATOMS: atom_id res chain seq x y z
N GLN A 7 27.52 -7.16 6.85
CA GLN A 7 26.18 -6.94 7.51
C GLN A 7 25.47 -5.69 6.97
N PRO A 8 24.22 -5.85 6.46
CA PRO A 8 23.46 -4.78 5.83
C PRO A 8 22.61 -4.03 6.84
N ILE A 9 22.98 -2.78 7.06
CA ILE A 9 22.35 -1.94 8.06
C ILE A 9 20.95 -1.57 7.58
N PHE A 10 20.80 -1.32 6.27
CA PHE A 10 19.50 -0.88 5.70
C PHE A 10 18.33 -1.88 5.84
N LEU A 11 18.58 -3.15 5.50
CA LEU A 11 17.65 -4.26 5.75
C LEU A 11 17.36 -4.53 7.22
N ASN A 12 18.36 -4.45 8.09
CA ASN A 12 18.12 -4.58 9.52
C ASN A 12 16.97 -3.64 9.88
N VAL A 13 17.07 -2.40 9.38
CA VAL A 13 16.13 -1.37 9.84
C VAL A 13 14.75 -1.70 9.37
N LEU A 14 14.68 -2.06 8.08
CA LEU A 14 13.42 -2.32 7.41
C LEU A 14 12.67 -3.46 8.08
N GLU A 15 13.45 -4.42 8.59
CA GLU A 15 12.92 -5.62 9.20
C GLU A 15 12.58 -5.35 10.66
N ALA A 16 13.31 -4.43 11.29
CA ALA A 16 13.10 -4.10 12.68
C ALA A 16 11.80 -3.36 12.82
N ILE A 17 11.53 -2.42 11.90
CA ILE A 17 10.35 -1.52 12.07
C ILE A 17 9.05 -2.08 11.48
N GLU A 18 9.13 -3.16 10.69
CA GLU A 18 7.93 -3.80 10.13
C GLU A 18 6.77 -4.02 11.13
N PRO A 19 5.56 -3.52 10.83
CA PRO A 19 4.48 -3.62 11.83
C PRO A 19 4.04 -5.05 12.07
N GLY A 20 3.57 -5.29 13.30
CA GLY A 20 3.01 -6.58 13.63
C GLY A 20 1.64 -6.77 13.00
N VAL A 21 0.92 -7.76 13.55
CA VAL A 21 -0.43 -8.09 13.16
C VAL A 21 -1.33 -6.93 13.59
N VAL A 22 -2.26 -6.53 12.72
CA VAL A 22 -3.31 -5.62 13.14
C VAL A 22 -4.68 -6.29 13.00
N CYS A 23 -5.44 -6.35 14.10
CA CYS A 23 -6.79 -6.95 14.06
C CYS A 23 -7.84 -5.92 13.63
N ALA A 24 -8.82 -6.39 12.86
CA ALA A 24 -9.83 -5.53 12.25
C ALA A 24 -10.92 -5.09 13.22
N GLY A 25 -11.12 -5.88 14.27
CA GLY A 25 -12.17 -5.64 15.30
C GLY A 25 -13.53 -6.16 14.89
N HIS A 26 -13.55 -6.94 13.81
CA HIS A 26 -14.80 -7.44 13.21
C HIS A 26 -15.49 -8.53 14.04
N ASP A 27 -16.82 -8.44 14.15
CA ASP A 27 -17.64 -9.46 14.82
C ASP A 27 -17.99 -10.54 13.80
N ASN A 28 -17.07 -11.48 13.57
CA ASN A 28 -17.31 -12.56 12.60
C ASN A 28 -18.61 -13.33 12.86
N ASN A 29 -19.28 -13.01 13.97
CA ASN A 29 -20.57 -13.63 14.27
C ASN A 29 -21.79 -12.95 13.65
N GLN A 30 -21.51 -11.88 12.90
CA GLN A 30 -22.51 -11.21 12.06
C GLN A 30 -22.64 -11.92 10.72
N PRO A 31 -23.83 -11.84 10.12
CA PRO A 31 -23.93 -12.26 8.73
C PRO A 31 -23.11 -11.30 7.88
N ASP A 32 -22.53 -11.82 6.81
CA ASP A 32 -21.68 -11.07 5.91
C ASP A 32 -22.47 -10.04 5.14
N SER A 33 -22.95 -8.99 5.83
CA SER A 33 -23.66 -7.92 5.15
C SER A 33 -22.68 -6.87 4.61
N PHE A 34 -23.11 -6.09 3.61
CA PHE A 34 -22.32 -5.00 3.01
C PHE A 34 -21.89 -3.90 3.99
N ALA A 35 -22.84 -3.32 4.70
CA ALA A 35 -22.57 -2.31 5.71
C ALA A 35 -21.50 -2.79 6.72
N ALA A 36 -21.60 -4.05 7.15
CA ALA A 36 -20.78 -4.61 8.22
C ALA A 36 -19.38 -5.01 7.76
N LEU A 37 -19.27 -5.58 6.57
CA LEU A 37 -17.98 -5.84 5.94
C LEU A 37 -17.29 -4.49 5.70
N LEU A 38 -18.04 -3.50 5.19
CA LEU A 38 -17.40 -2.23 4.84
C LEU A 38 -17.04 -1.36 6.06
N SER A 39 -17.93 -1.26 7.03
CA SER A 39 -17.62 -0.54 8.29
C SER A 39 -16.43 -1.16 9.02
N SER A 40 -16.27 -2.47 8.87
CA SER A 40 -15.13 -3.15 9.44
C SER A 40 -13.84 -2.86 8.72
N LEU A 41 -13.83 -2.93 7.37
CA LEU A 41 -12.69 -2.52 6.51
C LEU A 41 -12.25 -1.08 6.78
N ASN A 42 -13.22 -0.19 6.91
CA ASN A 42 -12.93 1.17 7.37
C ASN A 42 -12.17 1.23 8.68
N GLU A 43 -12.65 0.48 9.68
CA GLU A 43 -12.00 0.41 11.00
C GLU A 43 -10.59 -0.14 10.91
N LEU A 44 -10.43 -1.21 10.13
CA LEU A 44 -9.11 -1.74 9.77
C LEU A 44 -8.21 -0.65 9.19
N GLY A 45 -8.74 0.10 8.22
CA GLY A 45 -8.04 1.25 7.65
C GLY A 45 -7.54 2.19 8.72
N GLU A 46 -8.45 2.74 9.54
CA GLU A 46 -8.09 3.72 10.58
C GLU A 46 -6.99 3.23 11.55
N ARG A 47 -7.10 1.97 12.00
CA ARG A 47 -6.11 1.33 12.87
C ARG A 47 -4.76 1.18 12.16
N GLN A 48 -4.75 0.50 11.01
N GLN A 48 -4.75 0.50 11.01
CA GLN A 48 -3.53 0.33 10.21
CA GLN A 48 -3.55 0.35 10.21
C GLN A 48 -2.84 1.68 9.93
C GLN A 48 -2.83 1.68 9.97
N LEU A 49 -3.59 2.78 9.96
CA LEU A 49 -3.05 4.11 9.61
C LEU A 49 -1.99 4.48 10.62
N VAL A 50 -2.42 4.52 11.90
CA VAL A 50 -1.55 4.65 13.06
C VAL A 50 -0.25 3.83 12.90
N HIS A 51 -0.35 2.58 12.51
CA HIS A 51 0.86 1.80 12.37
C HIS A 51 1.75 2.28 11.22
N VAL A 52 1.15 2.61 10.08
CA VAL A 52 1.87 3.14 8.91
C VAL A 52 2.63 4.46 9.26
N VAL A 53 1.95 5.33 10.03
CA VAL A 53 2.56 6.55 10.44
C VAL A 53 3.83 6.27 11.21
N LYS A 54 3.75 5.44 12.25
CA LYS A 54 4.90 5.21 13.10
C LYS A 54 5.97 4.42 12.32
N TRP A 55 5.54 3.53 11.42
CA TRP A 55 6.51 2.82 10.57
C TRP A 55 7.26 3.84 9.71
N ALA A 56 6.49 4.69 9.02
CA ALA A 56 7.04 5.66 8.06
C ALA A 56 8.02 6.59 8.78
N LYS A 57 7.57 7.22 9.88
CA LYS A 57 8.42 8.08 10.74
C LYS A 57 9.72 7.40 11.23
N ALA A 58 9.70 6.08 11.41
CA ALA A 58 10.95 5.42 11.81
C ALA A 58 11.72 4.87 10.62
N LEU A 59 11.45 5.39 9.41
CA LEU A 59 12.20 4.95 8.24
C LEU A 59 13.49 5.77 8.04
N PRO A 60 14.51 5.14 7.43
CA PRO A 60 15.77 5.86 7.23
C PRO A 60 15.61 7.06 6.28
N GLY A 61 16.02 8.24 6.71
CA GLY A 61 15.93 9.46 5.92
C GLY A 61 14.59 10.17 5.97
N PHE A 62 13.60 9.54 6.59
CA PHE A 62 12.26 10.04 6.46
C PHE A 62 12.00 11.37 7.16
N ARG A 63 12.41 11.52 8.44
CA ARG A 63 12.24 12.81 9.17
C ARG A 63 13.06 13.96 8.47
N ASN A 64 14.01 13.59 7.61
CA ASN A 64 14.64 14.50 6.64
C ASN A 64 13.60 15.39 5.94
N LEU A 65 12.59 14.80 5.31
CA LEU A 65 11.54 15.56 4.65
C LEU A 65 10.94 16.61 5.57
N HIS A 66 10.49 17.68 4.95
CA HIS A 66 9.74 18.71 5.62
C HIS A 66 8.50 18.09 6.29
N VAL A 67 8.17 18.59 7.48
CA VAL A 67 7.11 18.02 8.32
C VAL A 67 5.75 17.84 7.62
N ASP A 68 5.27 18.89 6.93
CA ASP A 68 4.00 18.81 6.16
C ASP A 68 4.07 17.80 4.98
N ASP A 69 5.22 17.73 4.32
CA ASP A 69 5.49 16.74 3.27
C ASP A 69 5.45 15.33 3.85
N GLN A 70 5.88 15.20 5.10
CA GLN A 70 5.86 13.91 5.75
C GLN A 70 4.43 13.39 5.83
N MET A 71 3.52 14.23 6.30
CA MET A 71 2.09 13.89 6.41
C MET A 71 1.38 13.76 5.07
N ALA A 72 1.82 14.54 4.11
CA ALA A 72 1.22 14.53 2.82
C ALA A 72 1.48 13.17 2.21
N VAL A 73 2.73 12.77 2.09
CA VAL A 73 3.09 11.54 1.34
C VAL A 73 2.53 10.24 1.97
N ILE A 74 2.34 10.24 3.29
CA ILE A 74 1.65 9.16 4.00
C ILE A 74 0.20 9.13 3.50
N GLN A 75 -0.39 10.33 3.35
CA GLN A 75 -1.82 10.42 3.13
C GLN A 75 -2.23 10.24 1.70
N TYR A 76 -1.25 10.23 0.79
CA TYR A 76 -1.55 9.97 -0.60
C TYR A 76 -1.27 8.49 -0.82
N SER A 77 -0.22 8.01 -0.16
CA SER A 77 0.31 6.66 -0.40
C SER A 77 -0.33 5.51 0.37
N TRP A 78 -1.06 5.80 1.44
CA TRP A 78 -1.58 4.72 2.27
C TRP A 78 -2.25 3.51 1.57
N MET A 79 -3.33 3.72 0.82
CA MET A 79 -3.94 2.66 -0.05
C MET A 79 -2.90 1.75 -0.68
N GLY A 80 -2.00 2.33 -1.46
CA GLY A 80 -0.94 1.54 -2.09
C GLY A 80 -0.20 0.65 -1.11
N LEU A 81 0.16 1.20 0.04
CA LEU A 81 0.96 0.47 1.02
C LEU A 81 0.19 -0.68 1.59
N MET A 82 -1.01 -0.38 2.11
CA MET A 82 -1.86 -1.37 2.73
C MET A 82 -2.28 -2.50 1.80
N VAL A 83 -2.62 -2.16 0.56
CA VAL A 83 -2.91 -3.19 -0.47
C VAL A 83 -1.72 -4.15 -0.71
N PHE A 84 -0.53 -3.58 -0.90
CA PHE A 84 0.69 -4.37 -1.17
C PHE A 84 1.00 -5.37 -0.02
N ALA A 85 1.07 -4.85 1.21
CA ALA A 85 1.25 -5.64 2.42
C ALA A 85 0.23 -6.74 2.47
N MET A 86 -1.05 -6.35 2.34
CA MET A 86 -2.19 -7.30 2.45
C MET A 86 -2.06 -8.40 1.38
N GLY A 87 -1.66 -8.02 0.17
CA GLY A 87 -1.24 -8.98 -0.88
C GLY A 87 -0.19 -9.97 -0.40
N TRP A 88 0.77 -9.49 0.41
CA TRP A 88 1.82 -10.31 1.03
C TRP A 88 1.26 -11.23 2.13
N ARG A 89 0.58 -10.65 3.13
CA ARG A 89 -0.11 -11.43 4.18
C ARG A 89 -0.93 -12.54 3.57
N SER A 90 -1.55 -12.27 2.42
CA SER A 90 -2.37 -13.24 1.72
C SER A 90 -1.52 -14.34 1.12
N PHE A 91 -0.36 -13.98 0.58
CA PHE A 91 0.47 -14.95 -0.06
C PHE A 91 1.13 -15.87 0.97
N THR A 92 1.52 -15.29 2.12
CA THR A 92 2.28 -16.01 3.14
C THR A 92 1.45 -16.97 3.96
N ASN A 93 0.16 -16.64 4.14
CA ASN A 93 -0.77 -17.39 5.00
C ASN A 93 -1.68 -18.33 4.24
N VAL A 94 -2.43 -17.77 3.30
CA VAL A 94 -3.47 -18.53 2.66
C VAL A 94 -3.16 -18.77 1.17
N ASN A 95 -1.86 -18.97 0.87
CA ASN A 95 -1.34 -19.24 -0.49
C ASN A 95 -2.02 -18.45 -1.61
N SER A 96 -2.53 -17.26 -1.25
CA SER A 96 -3.20 -16.34 -2.19
C SER A 96 -4.69 -16.60 -2.47
N ARG A 97 -5.18 -17.74 -1.98
CA ARG A 97 -6.51 -18.26 -2.30
C ARG A 97 -7.66 -17.34 -1.78
N MET A 98 -7.47 -16.69 -0.63
CA MET A 98 -8.44 -15.72 -0.13
C MET A 98 -7.70 -14.44 0.17
N LEU A 99 -8.38 -13.45 0.73
CA LEU A 99 -7.76 -12.16 1.02
C LEU A 99 -7.59 -11.88 2.49
N TYR A 100 -6.35 -11.95 2.97
CA TYR A 100 -6.03 -11.87 4.39
C TYR A 100 -6.05 -10.42 4.95
N PHE A 101 -7.22 -9.80 4.95
CA PHE A 101 -7.25 -8.44 5.47
C PHE A 101 -6.71 -8.34 6.89
N ALA A 102 -7.04 -9.29 7.74
CA ALA A 102 -6.62 -9.30 9.15
C ALA A 102 -7.03 -10.69 9.67
N PRO A 103 -6.32 -11.24 10.67
CA PRO A 103 -6.66 -12.61 11.10
C PRO A 103 -8.14 -12.77 11.37
N ASP A 104 -8.74 -11.79 12.02
CA ASP A 104 -10.19 -11.74 12.22
C ASP A 104 -11.01 -11.12 11.06
N LEU A 105 -10.52 -11.14 9.82
CA LEU A 105 -11.29 -10.60 8.66
C LEU A 105 -10.71 -11.09 7.33
N VAL A 106 -10.89 -12.37 7.05
CA VAL A 106 -10.40 -12.98 5.82
C VAL A 106 -11.55 -12.97 4.79
N PHE A 107 -11.24 -12.74 3.51
CA PHE A 107 -12.30 -12.69 2.50
C PHE A 107 -12.27 -13.96 1.72
N ASN A 108 -13.41 -14.65 1.75
CA ASN A 108 -13.74 -15.77 0.84
C ASN A 108 -14.49 -15.23 -0.39
N GLU A 109 -14.77 -16.07 -1.38
CA GLU A 109 -15.57 -15.61 -2.51
C GLU A 109 -16.82 -14.88 -2.00
N TYR A 110 -17.47 -15.47 -1.02
CA TYR A 110 -18.78 -15.00 -0.71
C TYR A 110 -18.67 -13.55 -0.20
N ARG A 111 -17.72 -13.30 0.70
CA ARG A 111 -17.45 -11.94 1.17
C ARG A 111 -17.01 -10.95 0.03
N MET A 112 -16.30 -11.44 -0.99
CA MET A 112 -15.94 -10.65 -2.17
C MET A 112 -17.15 -10.18 -2.97
N HIS A 113 -18.20 -11.00 -3.02
CA HIS A 113 -19.44 -10.53 -3.62
C HIS A 113 -20.22 -9.59 -2.70
N LYS A 114 -20.35 -9.95 -1.42
CA LYS A 114 -21.12 -9.16 -0.45
C LYS A 114 -20.60 -7.74 -0.21
N SER A 115 -19.27 -7.59 -0.21
CA SER A 115 -18.56 -6.28 -0.12
C SER A 115 -18.92 -5.32 -1.25
N ARG A 116 -19.49 -5.89 -2.31
CA ARG A 116 -19.84 -5.19 -3.56
C ARG A 116 -18.58 -4.67 -4.29
N MET A 117 -17.40 -5.09 -3.85
CA MET A 117 -16.24 -4.73 -4.65
C MET A 117 -15.54 -5.94 -5.16
N TYR A 118 -16.30 -6.77 -5.86
CA TYR A 118 -15.77 -8.07 -6.28
C TYR A 118 -14.59 -7.94 -7.24
N SER A 119 -14.69 -7.04 -8.23
CA SER A 119 -13.64 -6.98 -9.27
C SER A 119 -12.35 -6.39 -8.70
N GLN A 120 -12.48 -5.53 -7.70
CA GLN A 120 -11.29 -5.02 -7.04
C GLN A 120 -10.56 -6.11 -6.25
N CYS A 121 -11.35 -6.93 -5.54
CA CYS A 121 -10.81 -8.05 -4.79
C CYS A 121 -10.08 -9.05 -5.70
N VAL A 122 -10.66 -9.33 -6.85
CA VAL A 122 -10.01 -10.18 -7.84
C VAL A 122 -8.63 -9.58 -8.19
N ARG A 123 -8.55 -8.24 -8.30
CA ARG A 123 -7.33 -7.56 -8.72
C ARG A 123 -6.28 -7.62 -7.64
N MET A 124 -6.77 -7.36 -6.42
CA MET A 124 -5.96 -7.53 -5.23
C MET A 124 -5.44 -8.99 -5.12
N ARG A 125 -6.33 -9.97 -5.31
CA ARG A 125 -5.90 -11.38 -5.33
C ARG A 125 -4.75 -11.63 -6.33
N HIS A 126 -4.87 -11.10 -7.55
CA HIS A 126 -3.85 -11.29 -8.61
C HIS A 126 -2.48 -10.79 -8.24
N LEU A 127 -2.45 -9.52 -7.85
CA LEU A 127 -1.33 -8.87 -7.24
C LEU A 127 -0.71 -9.77 -6.19
N SER A 128 -1.52 -10.15 -5.21
CA SER A 128 -1.13 -11.16 -4.24
C SER A 128 -0.42 -12.38 -4.89
N GLN A 129 -1.02 -12.95 -5.93
CA GLN A 129 -0.41 -14.09 -6.60
C GLN A 129 0.96 -13.77 -7.23
N GLU A 130 1.12 -12.58 -7.79
CA GLU A 130 2.42 -12.21 -8.35
C GLU A 130 3.58 -12.49 -7.37
N PHE A 131 3.35 -12.28 -6.08
CA PHE A 131 4.36 -12.61 -5.11
C PHE A 131 4.89 -14.03 -5.26
N GLY A 132 3.98 -14.98 -5.46
CA GLY A 132 4.36 -16.36 -5.69
C GLY A 132 5.00 -16.53 -7.04
N TRP A 133 4.33 -16.01 -8.08
CA TRP A 133 4.80 -16.19 -9.46
C TRP A 133 6.22 -15.68 -9.67
N LEU A 134 6.57 -14.56 -9.03
CA LEU A 134 7.88 -13.96 -9.21
C LEU A 134 8.94 -14.51 -8.24
N GLN A 135 8.49 -15.14 -7.16
CA GLN A 135 9.39 -15.62 -6.07
C GLN A 135 9.98 -14.49 -5.23
N ILE A 136 9.19 -13.46 -5.04
CA ILE A 136 9.58 -12.30 -4.25
C ILE A 136 10.11 -12.74 -2.90
N THR A 137 11.36 -12.39 -2.58
CA THR A 137 11.90 -12.64 -1.25
C THR A 137 11.37 -11.61 -0.25
N PRO A 138 11.42 -11.92 1.05
CA PRO A 138 10.94 -10.94 2.04
C PRO A 138 11.77 -9.63 2.04
N GLN A 139 12.99 -9.69 1.55
CA GLN A 139 13.83 -8.51 1.44
C GLN A 139 13.37 -7.61 0.31
N GLU A 140 13.09 -8.21 -0.85
CA GLU A 140 12.45 -7.48 -1.96
C GLU A 140 11.09 -6.90 -1.54
N PHE A 141 10.27 -7.71 -0.87
CA PHE A 141 8.98 -7.21 -0.45
C PHE A 141 9.16 -5.91 0.35
N LEU A 142 10.02 -5.96 1.36
CA LEU A 142 10.23 -4.85 2.28
C LEU A 142 10.78 -3.62 1.57
N CYS A 143 11.70 -3.81 0.63
N CYS A 143 11.65 -3.85 0.59
CA CYS A 143 12.19 -2.64 -0.07
CA CYS A 143 12.28 -2.76 -0.19
C CYS A 143 11.09 -2.03 -0.91
C CYS A 143 11.40 -2.16 -1.27
N MET A 144 10.35 -2.88 -1.62
CA MET A 144 9.36 -2.40 -2.56
C MET A 144 8.29 -1.66 -1.77
N LYS A 145 7.96 -2.17 -0.60
CA LYS A 145 6.89 -1.57 0.16
C LYS A 145 7.32 -0.17 0.64
N ALA A 146 8.58 -0.06 1.08
CA ALA A 146 9.04 1.26 1.58
C ALA A 146 9.10 2.25 0.41
N LEU A 147 9.64 1.77 -0.71
CA LEU A 147 9.62 2.46 -1.99
C LEU A 147 8.24 2.96 -2.40
N LEU A 148 7.23 2.14 -2.19
CA LEU A 148 5.90 2.60 -2.40
C LEU A 148 5.55 3.85 -1.62
N LEU A 149 6.21 4.13 -0.50
CA LEU A 149 5.82 5.33 0.28
C LEU A 149 6.10 6.61 -0.50
N PHE A 150 7.07 6.53 -1.42
CA PHE A 150 7.55 7.66 -2.22
C PHE A 150 7.20 7.48 -3.69
N SER A 151 5.98 6.97 -3.94
CA SER A 151 5.50 6.67 -5.27
C SER A 151 4.30 7.48 -5.73
N ILE A 152 3.89 8.49 -4.96
CA ILE A 152 2.72 9.29 -5.31
C ILE A 152 2.76 10.69 -4.69
N ILE A 153 2.61 11.71 -5.53
CA ILE A 153 2.88 13.11 -5.13
C ILE A 153 2.13 14.11 -5.99
N PRO A 154 1.96 15.36 -5.48
CA PRO A 154 1.27 16.45 -6.23
C PRO A 154 2.04 16.84 -7.48
N VAL A 155 1.34 17.02 -8.60
CA VAL A 155 2.00 17.35 -9.89
C VAL A 155 2.83 18.60 -9.76
N ASP A 156 2.38 19.52 -8.92
CA ASP A 156 3.06 20.76 -8.76
C ASP A 156 4.11 20.73 -7.63
N GLY A 157 4.70 19.55 -7.41
CA GLY A 157 5.68 19.28 -6.34
C GLY A 157 5.29 19.35 -4.85
N LEU A 158 6.25 19.01 -4.00
CA LEU A 158 6.11 19.07 -2.55
C LEU A 158 6.80 20.32 -1.97
N LYS A 159 6.61 20.61 -0.67
CA LYS A 159 7.27 21.77 -0.01
C LYS A 159 8.78 21.72 -0.15
N ASN A 160 9.35 20.56 0.16
N ASN A 160 9.41 20.62 0.24
CA ASN A 160 10.76 20.25 -0.07
CA ASN A 160 10.78 20.39 -0.23
C ASN A 160 10.89 19.09 -1.06
C ASN A 160 10.86 19.14 -1.07
N GLN A 161 10.74 19.38 -2.37
CA GLN A 161 10.78 18.35 -3.40
C GLN A 161 12.15 17.77 -3.64
N LYS A 162 13.20 18.54 -3.40
N LYS A 162 13.20 18.57 -3.42
CA LYS A 162 14.57 18.09 -3.59
CA LYS A 162 14.57 18.12 -3.64
C LYS A 162 14.97 17.00 -2.64
C LYS A 162 14.97 17.01 -2.67
N PHE A 163 14.68 17.24 -1.38
CA PHE A 163 14.87 16.24 -0.34
C PHE A 163 14.12 14.99 -0.80
N PHE A 164 12.82 15.15 -1.08
CA PHE A 164 12.05 14.04 -1.57
C PHE A 164 12.74 13.25 -2.73
N ASP A 165 13.19 13.95 -3.76
CA ASP A 165 13.76 13.24 -4.92
C ASP A 165 15.01 12.45 -4.54
N GLU A 166 15.88 13.05 -3.71
CA GLU A 166 17.01 12.33 -3.13
C GLU A 166 16.57 11.10 -2.35
N LEU A 167 15.65 11.29 -1.41
CA LEU A 167 15.14 10.17 -0.63
C LEU A 167 14.73 9.04 -1.58
N ARG A 168 13.83 9.34 -2.51
CA ARG A 168 13.32 8.32 -3.43
C ARG A 168 14.46 7.63 -4.22
N MET A 169 15.41 8.41 -4.72
CA MET A 169 16.54 7.87 -5.47
C MET A 169 17.27 6.80 -4.65
N ASN A 170 17.36 7.06 -3.34
CA ASN A 170 18.14 6.21 -2.42
C ASN A 170 17.49 4.85 -2.21
N TYR A 171 16.18 4.88 -1.95
CA TYR A 171 15.33 3.69 -1.88
C TYR A 171 15.36 2.89 -3.18
N ILE A 172 15.43 3.57 -4.31
CA ILE A 172 15.54 2.84 -5.56
C ILE A 172 16.88 2.09 -5.60
N LYS A 173 17.96 2.79 -5.27
CA LYS A 173 19.29 2.18 -5.29
C LYS A 173 19.41 1.05 -4.25
N GLU A 174 18.77 1.21 -3.10
CA GLU A 174 18.72 0.14 -2.11
C GLU A 174 18.02 -1.12 -2.60
N LEU A 175 17.00 -0.95 -3.43
CA LEU A 175 16.31 -2.08 -4.03
C LEU A 175 17.19 -2.80 -5.04
N ASP A 176 17.81 -2.04 -5.94
CA ASP A 176 18.84 -2.55 -6.84
C ASP A 176 19.91 -3.37 -6.10
N ARG A 177 20.25 -2.94 -4.87
CA ARG A 177 21.24 -3.60 -4.00
C ARG A 177 20.77 -5.01 -3.56
N ILE A 178 19.56 -5.08 -3.02
N ILE A 178 19.57 -5.06 -3.00
CA ILE A 178 18.95 -6.33 -2.56
CA ILE A 178 18.90 -6.30 -2.57
C ILE A 178 18.80 -7.37 -3.66
C ILE A 178 18.83 -7.35 -3.67
N ILE A 179 18.41 -6.92 -4.86
CA ILE A 179 18.43 -7.75 -6.03
C ILE A 179 19.87 -8.31 -6.24
N ALA A 180 20.86 -7.40 -6.42
CA ALA A 180 22.18 -7.69 -7.04
C ALA A 180 23.31 -8.33 -6.19
N CYS A 181 23.27 -8.18 -4.86
CA CYS A 181 24.34 -8.72 -3.98
C CYS A 181 24.31 -10.25 -3.78
N LYS A 182 23.93 -10.98 -4.84
CA LYS A 182 23.73 -12.42 -4.74
C LYS A 182 23.85 -13.16 -6.09
N ARG A 183 23.96 -12.41 -7.20
CA ARG A 183 23.93 -13.00 -8.58
C ARG A 183 25.24 -12.96 -9.39
N LYS A 184 25.21 -13.49 -10.62
CA LYS A 184 26.43 -13.64 -11.41
C LYS A 184 26.27 -13.34 -12.90
N ASN A 185 25.37 -14.06 -13.57
CA ASN A 185 25.08 -13.86 -15.01
C ASN A 185 24.49 -12.47 -15.34
N PRO A 186 24.73 -11.96 -16.57
CA PRO A 186 24.51 -10.51 -16.80
C PRO A 186 23.03 -10.04 -16.94
N THR A 187 22.27 -10.77 -17.78
CA THR A 187 20.83 -10.50 -18.05
C THR A 187 19.92 -10.73 -16.84
N SER A 188 20.36 -11.66 -15.97
CA SER A 188 19.68 -12.01 -14.73
C SER A 188 19.21 -10.80 -13.89
N CYS A 189 20.13 -9.89 -13.55
CA CYS A 189 19.77 -8.70 -12.73
C CYS A 189 18.93 -7.63 -13.44
N SER A 190 19.04 -7.53 -14.77
CA SER A 190 18.19 -6.66 -15.57
C SER A 190 16.75 -7.16 -15.54
N ARG A 191 16.59 -8.43 -15.93
CA ARG A 191 15.31 -9.12 -15.92
C ARG A 191 14.58 -8.85 -14.62
N ARG A 192 15.25 -9.12 -13.51
CA ARG A 192 14.61 -9.06 -12.22
C ARG A 192 14.14 -7.64 -11.86
N PHE A 193 15.00 -6.65 -12.11
CA PHE A 193 14.69 -5.25 -11.83
C PHE A 193 13.52 -4.77 -12.70
N TYR A 194 13.54 -5.16 -13.97
CA TYR A 194 12.41 -4.90 -14.83
C TYR A 194 11.14 -5.45 -14.20
N GLN A 195 11.16 -6.75 -13.82
CA GLN A 195 10.03 -7.42 -13.12
C GLN A 195 9.51 -6.63 -11.92
N LEU A 196 10.39 -6.26 -11.01
CA LEU A 196 9.91 -5.55 -9.81
C LEU A 196 9.37 -4.11 -10.05
N THR A 197 9.99 -3.37 -10.97
CA THR A 197 9.50 -2.05 -11.35
C THR A 197 8.10 -2.17 -11.98
N LYS A 198 7.95 -3.15 -12.87
CA LYS A 198 6.61 -3.54 -13.34
C LYS A 198 5.61 -3.93 -12.21
N LEU A 199 5.99 -4.84 -11.32
CA LEU A 199 5.12 -5.17 -10.19
C LEU A 199 4.72 -3.91 -9.40
N LEU A 200 5.74 -3.17 -8.93
CA LEU A 200 5.51 -1.89 -8.25
C LEU A 200 4.54 -0.94 -8.98
N ASP A 201 4.71 -0.84 -10.30
CA ASP A 201 3.82 0.00 -11.13
C ASP A 201 2.37 -0.46 -11.03
N SER A 202 2.15 -1.77 -11.28
CA SER A 202 0.82 -2.35 -11.22
C SER A 202 0.00 -2.14 -9.90
N VAL A 203 0.63 -1.69 -8.83
CA VAL A 203 -0.09 -1.43 -7.60
C VAL A 203 -0.94 -0.19 -7.75
N GLN A 204 -0.61 0.65 -8.74
CA GLN A 204 -1.20 2.00 -8.81
C GLN A 204 -2.66 2.02 -9.36
N PRO A 205 -2.93 1.26 -10.45
CA PRO A 205 -4.31 1.22 -10.97
C PRO A 205 -5.30 0.61 -9.98
N ILE A 206 -4.82 -0.40 -9.26
CA ILE A 206 -5.57 -1.04 -8.19
C ILE A 206 -5.86 -0.02 -7.09
N ALA A 207 -4.83 0.67 -6.63
CA ALA A 207 -5.03 1.65 -5.59
C ALA A 207 -5.98 2.67 -6.13
N ARG A 208 -5.90 2.97 -7.44
CA ARG A 208 -6.81 3.98 -8.01
C ARG A 208 -8.26 3.52 -8.04
N GLU A 209 -8.53 2.29 -8.51
CA GLU A 209 -9.87 1.71 -8.40
C GLU A 209 -10.47 1.86 -6.98
N LEU A 210 -9.65 1.64 -5.96
CA LEU A 210 -10.09 1.63 -4.58
C LEU A 210 -10.30 3.02 -4.02
N HIS A 211 -9.55 3.99 -4.54
CA HIS A 211 -9.76 5.38 -4.20
C HIS A 211 -11.18 5.82 -4.66
N GLN A 212 -11.47 5.61 -5.96
CA GLN A 212 -12.81 5.79 -6.53
C GLN A 212 -13.84 5.15 -5.64
N PHE A 213 -13.69 3.84 -5.44
CA PHE A 213 -14.65 3.11 -4.64
C PHE A 213 -14.94 3.77 -3.27
N THR A 214 -13.92 3.89 -2.43
CA THR A 214 -14.15 4.38 -1.10
C THR A 214 -14.72 5.82 -1.12
N PHE A 215 -14.24 6.67 -2.04
CA PHE A 215 -14.78 8.01 -2.21
C PHE A 215 -16.28 7.97 -2.48
N ASP A 216 -16.66 7.16 -3.46
CA ASP A 216 -18.07 6.99 -3.77
C ASP A 216 -18.86 6.59 -2.49
N LEU A 217 -18.33 5.57 -1.81
CA LEU A 217 -18.91 5.06 -0.59
C LEU A 217 -19.14 6.17 0.44
N LEU A 218 -18.11 6.97 0.65
CA LEU A 218 -18.14 7.97 1.67
C LEU A 218 -19.30 8.94 1.40
N ILE A 219 -19.46 9.30 0.13
CA ILE A 219 -20.49 10.22 -0.31
C ILE A 219 -21.86 9.65 0.04
N LYS A 220 -22.02 8.33 -0.19
CA LYS A 220 -23.32 7.65 0.04
C LYS A 220 -23.48 6.85 1.35
N SER A 221 -22.60 7.08 2.30
CA SER A 221 -22.53 6.30 3.54
C SER A 221 -23.71 6.45 4.49
N HIS A 222 -24.26 7.66 4.63
CA HIS A 222 -25.50 7.86 5.40
C HIS A 222 -26.69 7.05 4.80
N MET A 223 -26.69 6.86 3.48
CA MET A 223 -27.80 6.18 2.77
C MET A 223 -27.63 4.68 2.81
N VAL A 224 -26.52 4.23 3.36
CA VAL A 224 -26.05 2.86 3.17
C VAL A 224 -25.55 2.24 4.48
N SER A 225 -25.69 2.98 5.59
CA SER A 225 -25.22 2.52 6.92
C SER A 225 -23.76 2.04 7.00
N VAL A 226 -22.87 2.55 6.13
CA VAL A 226 -21.41 2.32 6.29
C VAL A 226 -20.78 3.44 7.11
N ASP A 227 -20.09 3.08 8.20
CA ASP A 227 -19.43 4.07 9.07
C ASP A 227 -17.98 4.31 8.65
N PHE A 228 -17.58 5.58 8.65
CA PHE A 228 -16.18 5.95 8.44
C PHE A 228 -15.66 6.62 9.70
N PRO A 229 -14.56 6.06 10.26
CA PRO A 229 -13.84 6.61 11.42
C PRO A 229 -13.23 7.99 11.11
N GLU A 230 -13.04 8.82 12.14
CA GLU A 230 -12.58 10.23 11.96
C GLU A 230 -11.46 10.45 10.94
N MET A 231 -10.31 9.84 11.16
CA MET A 231 -9.19 10.03 10.22
C MET A 231 -9.50 9.52 8.80
N MET A 232 -10.28 8.45 8.68
CA MET A 232 -10.59 7.87 7.34
C MET A 232 -11.54 8.79 6.57
N ALA A 233 -12.52 9.32 7.30
CA ALA A 233 -13.44 10.31 6.76
C ALA A 233 -12.64 11.43 6.16
N GLU A 234 -11.83 12.05 7.03
CA GLU A 234 -11.11 13.27 6.68
C GLU A 234 -10.22 13.06 5.47
N ILE A 235 -9.33 12.08 5.54
CA ILE A 235 -8.44 11.76 4.41
C ILE A 235 -9.25 11.51 3.13
N ILE A 236 -10.34 10.78 3.23
CA ILE A 236 -11.02 10.44 2.01
C ILE A 236 -11.70 11.62 1.35
N SER A 237 -12.09 12.62 2.13
CA SER A 237 -12.74 13.80 1.56
C SER A 237 -11.76 14.95 1.21
N VAL A 238 -10.57 14.98 1.83
CA VAL A 238 -9.62 16.06 1.57
C VAL A 238 -8.53 15.55 0.62
N GLN A 239 -8.01 14.37 0.86
CA GLN A 239 -6.83 13.97 0.13
C GLN A 239 -7.13 13.10 -1.06
N VAL A 240 -7.96 12.08 -0.89
CA VAL A 240 -8.31 11.23 -2.04
C VAL A 240 -8.83 12.06 -3.22
N PRO A 241 -9.71 13.06 -2.96
CA PRO A 241 -10.20 13.84 -4.13
C PRO A 241 -9.10 14.51 -4.97
N LYS A 242 -7.98 14.86 -4.31
N LYS A 242 -7.99 14.87 -4.32
CA LYS A 242 -6.85 15.45 -5.00
CA LYS A 242 -6.86 15.45 -5.02
C LYS A 242 -6.22 14.44 -5.95
C LYS A 242 -6.26 14.44 -5.97
N ILE A 243 -6.34 13.17 -5.61
CA ILE A 243 -5.83 12.09 -6.48
C ILE A 243 -6.79 11.79 -7.62
N LEU A 244 -8.08 11.83 -7.30
CA LEU A 244 -9.10 11.46 -8.26
C LEU A 244 -9.12 12.53 -9.36
N SER A 245 -9.06 13.80 -8.95
CA SER A 245 -9.13 14.93 -9.88
C SER A 245 -7.85 15.19 -10.63
N GLY A 246 -6.81 14.42 -10.34
CA GLY A 246 -5.52 14.51 -11.01
C GLY A 246 -4.53 15.55 -10.51
N LYS A 247 -4.78 16.16 -9.33
CA LYS A 247 -3.81 17.11 -8.67
C LYS A 247 -2.61 16.42 -8.01
N VAL A 248 -2.84 15.20 -7.52
CA VAL A 248 -1.79 14.30 -7.02
C VAL A 248 -1.74 13.11 -7.97
N LYS A 249 -0.56 12.61 -8.28
CA LYS A 249 -0.42 11.53 -9.27
C LYS A 249 0.67 10.57 -8.90
N PRO A 250 0.51 9.29 -9.29
CA PRO A 250 1.54 8.32 -8.99
C PRO A 250 2.78 8.64 -9.77
N ILE A 251 3.89 7.99 -9.42
CA ILE A 251 5.12 8.07 -10.18
C ILE A 251 5.38 6.70 -10.77
N TYR A 252 5.11 6.52 -12.04
CA TYR A 252 5.35 5.22 -12.63
C TYR A 252 6.82 5.09 -13.01
N PHE A 253 7.33 3.87 -13.07
CA PHE A 253 8.64 3.67 -13.68
C PHE A 253 8.50 3.75 -15.18
N HIS A 254 7.61 2.93 -15.73
CA HIS A 254 7.37 2.81 -17.17
C HIS A 254 6.05 3.51 -17.49
N THR A 255 5.91 4.04 -18.70
CA THR A 255 4.59 4.55 -19.13
C THR A 255 3.64 3.39 -19.49
N GLN A 256 2.37 3.54 -19.09
CA GLN A 256 1.34 2.49 -19.19
C GLN A 256 0.93 2.15 -20.63
#